data_2FAU
#
_entry.id   2FAU
#
_cell.length_a   40.964
_cell.length_b   76.368
_cell.length_c   126.491
_cell.angle_alpha   90.00
_cell.angle_beta   90.00
_cell.angle_gamma   90.00
#
_symmetry.space_group_name_H-M   'P 21 21 21'
#
loop_
_entity.id
_entity.type
_entity.pdbx_description
1 polymer 'Vacuolar protein sorting 26'
2 non-polymer GLYCEROL
3 water water
#
_entity_poly.entity_id   1
_entity_poly.type   'polypeptide(L)'
_entity_poly.pdbx_seq_one_letter_code
;MGMSFLGGFFGPI(CAF)EIDIVLNDGETRKMAEMKTEDGKVEKHYLFYDGESVSGKVNLAFKQPGKRLEHQGIRIEFVG
QIELFNDKSNTHEFVNLVKELALPGELTQSRSYDFEFMQVEKPYESYIGANVRLRYFLKVTIVRRLTDLVKEYDLIVHQL
ATYPDVNNSIKMEVGIED(CAF)LHIEFEYNKSKYHLKDVIVGKIYFLLVRIKIQHMELQLIKKEITGIGPSTTTETETI
AKYEIMDGAPVKGESIPIRLFLAGYDPTPTMRDVNKKFSVRYFLNLVLVDEEDRRYFKQQEIILWRKAPEKLRKQRTNFH
QRFESPESQASAEQPEMGLVPRGSHHHHH
;
_entity_poly.pdbx_strand_id   A
#
loop_
_chem_comp.id
_chem_comp.type
_chem_comp.name
_chem_comp.formula
GOL non-polymer GLYCEROL 'C3 H8 O3'
#
# COMPACT_ATOMS: atom_id res chain seq x y z
N GLY A 8 -8.55 24.29 9.74
CA GLY A 8 -9.68 25.02 10.37
C GLY A 8 -9.65 26.50 10.05
N PHE A 9 -9.34 26.83 8.81
CA PHE A 9 -9.27 28.22 8.37
C PHE A 9 -10.62 28.68 7.81
N PHE A 10 -11.20 29.69 8.46
CA PHE A 10 -12.48 30.26 8.08
C PHE A 10 -13.65 29.31 8.27
N GLY A 11 -13.48 28.35 9.17
CA GLY A 11 -14.54 27.39 9.44
C GLY A 11 -15.90 28.02 9.68
N PRO A 12 -15.98 29.07 10.51
CA PRO A 12 -17.27 29.71 10.79
C PRO A 12 -17.89 30.34 9.55
N ILE A 13 -17.04 30.88 8.66
CA ILE A 13 -17.51 31.53 7.44
C ILE A 13 -18.03 30.56 6.39
N CAF A 14 -17.26 29.52 6.09
CA CAF A 14 -17.70 28.59 5.08
CB CAF A 14 -17.33 29.16 3.72
C CAF A 14 -17.06 27.21 5.18
O CAF A 14 -16.11 26.98 5.92
SG CAF A 14 -15.86 28.35 3.21
AS CAF A 14 -14.35 28.13 1.62
CE1 CAF A 14 -12.56 27.73 2.40
CE2 CAF A 14 -14.25 29.83 0.59
O1 CAF A 14 -14.80 26.97 0.64
N GLU A 15 -17.59 26.29 4.36
CA GLU A 15 -17.14 24.91 4.33
C GLU A 15 -16.91 24.43 2.89
N ILE A 16 -15.84 23.66 2.68
CA ILE A 16 -15.56 23.11 1.36
C ILE A 16 -15.95 21.64 1.44
N ASP A 17 -16.87 21.22 0.59
CA ASP A 17 -17.30 19.83 0.59
C ASP A 17 -17.16 19.27 -0.82
N ILE A 18 -16.56 18.08 -0.91
CA ILE A 18 -16.36 17.43 -2.19
C ILE A 18 -17.26 16.21 -2.19
N VAL A 19 -18.06 16.04 -3.23
CA VAL A 19 -18.98 14.92 -3.28
C VAL A 19 -18.93 14.21 -4.63
N LEU A 20 -18.76 12.89 -4.58
CA LEU A 20 -18.70 12.06 -5.78
C LEU A 20 -20.10 11.73 -6.31
N ASN A 21 -20.31 11.89 -7.60
CA ASN A 21 -21.60 11.59 -8.22
C ASN A 21 -22.14 10.19 -7.88
N ASP A 22 -21.27 9.18 -7.91
CA ASP A 22 -21.68 7.80 -7.67
C ASP A 22 -21.30 7.18 -6.32
N GLY A 23 -21.15 8.00 -5.29
CA GLY A 23 -20.77 7.47 -3.99
C GLY A 23 -21.66 6.37 -3.42
N GLU A 24 -22.97 6.57 -3.54
CA GLU A 24 -23.94 5.61 -3.01
C GLU A 24 -23.72 4.15 -3.37
N THR A 25 -23.27 3.86 -4.59
CA THR A 25 -23.03 2.48 -5.00
C THR A 25 -21.56 2.07 -5.05
N ARG A 26 -20.67 2.99 -4.70
CA ARG A 26 -19.25 2.69 -4.73
C ARG A 26 -18.77 2.24 -3.34
N LYS A 27 -18.07 1.12 -3.29
CA LYS A 27 -17.58 0.62 -2.02
C LYS A 27 -16.48 1.49 -1.41
N MET A 28 -16.31 1.34 -0.09
CA MET A 28 -15.29 2.08 0.64
C MET A 28 -14.32 1.06 1.19
N ALA A 29 -13.05 1.19 0.84
CA ALA A 29 -12.06 0.26 1.34
C ALA A 29 -11.48 0.75 2.65
N GLU A 30 -10.82 -0.14 3.37
CA GLU A 30 -10.22 0.24 4.63
C GLU A 30 -8.72 0.10 4.48
N MET A 31 -7.99 0.94 5.20
CA MET A 31 -6.53 0.87 5.16
C MET A 31 -6.00 1.05 6.57
N LYS A 32 -5.30 0.02 7.04
CA LYS A 32 -4.74 0.06 8.38
C LYS A 32 -3.49 0.92 8.43
N THR A 33 -3.56 2.03 9.15
CA THR A 33 -2.40 2.91 9.29
C THR A 33 -1.68 2.43 10.55
N GLU A 34 -0.42 2.83 10.72
CA GLU A 34 0.36 2.40 11.89
C GLU A 34 -0.07 3.02 13.23
N ASP A 35 -0.74 4.17 13.17
CA ASP A 35 -1.20 4.84 14.37
C ASP A 35 -2.23 3.97 15.07
N GLY A 36 -2.57 2.84 14.45
CA GLY A 36 -3.56 1.93 15.01
C GLY A 36 -4.95 2.35 14.60
N LYS A 37 -5.02 3.29 13.66
CA LYS A 37 -6.29 3.80 13.17
C LYS A 37 -6.72 3.04 11.92
N VAL A 38 -7.92 3.32 11.45
CA VAL A 38 -8.42 2.67 10.25
C VAL A 38 -9.13 3.69 9.36
N GLU A 39 -8.54 3.94 8.19
CA GLU A 39 -9.11 4.88 7.24
C GLU A 39 -10.07 4.20 6.27
N LYS A 40 -11.18 4.87 5.97
CA LYS A 40 -12.16 4.37 5.02
C LYS A 40 -12.35 5.43 3.96
N HIS A 41 -12.13 5.06 2.70
CA HIS A 41 -12.28 5.98 1.58
C HIS A 41 -12.87 5.20 0.43
N TYR A 42 -13.47 5.91 -0.52
CA TYR A 42 -14.05 5.27 -1.68
C TYR A 42 -12.97 4.58 -2.51
N LEU A 43 -13.31 3.39 -2.95
CA LEU A 43 -12.44 2.56 -3.74
C LEU A 43 -12.59 2.87 -5.22
N PHE A 44 -11.46 2.97 -5.91
CA PHE A 44 -11.42 3.23 -7.33
C PHE A 44 -10.47 2.24 -7.96
N TYR A 45 -10.58 2.09 -9.28
CA TYR A 45 -9.70 1.20 -10.00
C TYR A 45 -9.14 1.98 -11.17
N ASP A 46 -8.04 1.49 -11.72
CA ASP A 46 -7.38 2.11 -12.86
C ASP A 46 -8.40 2.27 -14.00
N GLY A 47 -8.35 3.41 -14.68
CA GLY A 47 -9.26 3.66 -15.78
C GLY A 47 -10.60 4.28 -15.47
N GLU A 48 -11.12 4.10 -14.26
CA GLU A 48 -12.41 4.68 -13.91
C GLU A 48 -12.40 6.19 -13.97
N SER A 49 -13.57 6.75 -14.27
CA SER A 49 -13.73 8.19 -14.31
C SER A 49 -13.95 8.67 -12.89
N VAL A 50 -13.54 9.90 -12.62
CA VAL A 50 -13.70 10.50 -11.29
C VAL A 50 -14.43 11.81 -11.47
N SER A 51 -15.69 11.82 -11.04
CA SER A 51 -16.50 13.00 -11.20
C SER A 51 -17.35 13.26 -9.96
N GLY A 52 -17.74 14.52 -9.79
CA GLY A 52 -18.55 14.87 -8.63
C GLY A 52 -18.73 16.36 -8.59
N LYS A 53 -18.97 16.87 -7.38
CA LYS A 53 -19.17 18.29 -7.20
C LYS A 53 -18.34 18.85 -6.04
N VAL A 54 -18.00 20.12 -6.16
CA VAL A 54 -17.30 20.83 -5.12
C VAL A 54 -18.31 21.85 -4.63
N ASN A 55 -18.72 21.71 -3.38
CA ASN A 55 -19.69 22.63 -2.81
C ASN A 55 -19.01 23.56 -1.82
N LEU A 56 -19.07 24.85 -2.14
CA LEU A 56 -18.51 25.89 -1.30
C LEU A 56 -19.72 26.60 -0.70
N ALA A 57 -20.05 26.27 0.54
CA ALA A 57 -21.21 26.88 1.18
C ALA A 57 -20.88 27.89 2.27
N PHE A 58 -21.36 29.12 2.08
CA PHE A 58 -21.16 30.17 3.08
C PHE A 58 -22.10 29.85 4.23
N LYS A 59 -21.62 30.03 5.45
CA LYS A 59 -22.45 29.77 6.63
C LYS A 59 -23.23 31.01 7.05
N GLN A 60 -22.64 32.18 6.87
CA GLN A 60 -23.27 33.44 7.24
C GLN A 60 -23.45 34.34 6.04
N PRO A 61 -24.35 35.35 6.13
CA PRO A 61 -24.57 36.27 5.00
C PRO A 61 -23.59 37.44 5.01
N GLY A 62 -23.54 38.17 3.91
CA GLY A 62 -22.64 39.32 3.86
C GLY A 62 -21.16 39.08 4.11
N LYS A 63 -20.64 37.95 3.65
CA LYS A 63 -19.22 37.68 3.83
C LYS A 63 -18.61 37.46 2.47
N ARG A 64 -17.30 37.63 2.36
CA ARG A 64 -16.65 37.47 1.06
C ARG A 64 -15.29 36.85 1.20
N LEU A 65 -14.82 36.27 0.10
CA LEU A 65 -13.49 35.68 0.09
C LEU A 65 -12.83 36.00 -1.23
N GLU A 66 -11.82 36.85 -1.18
CA GLU A 66 -11.08 37.27 -2.36
C GLU A 66 -10.06 36.18 -2.64
N HIS A 67 -9.91 35.81 -3.90
CA HIS A 67 -8.98 34.76 -4.30
C HIS A 67 -8.42 34.98 -5.71
N GLN A 68 -7.32 34.31 -6.03
CA GLN A 68 -6.73 34.42 -7.36
C GLN A 68 -7.01 33.14 -8.14
N GLY A 69 -8.20 32.57 -7.95
CA GLY A 69 -8.56 31.37 -8.66
C GLY A 69 -8.80 30.15 -7.80
N ILE A 70 -9.64 29.28 -8.32
CA ILE A 70 -10.02 28.04 -7.65
C ILE A 70 -9.91 26.89 -8.67
N ARG A 71 -9.35 25.77 -8.24
CA ARG A 71 -9.20 24.60 -9.11
C ARG A 71 -9.35 23.34 -8.27
N ILE A 72 -9.44 22.20 -8.94
CA ILE A 72 -9.51 20.91 -8.29
C ILE A 72 -8.58 20.02 -9.11
N GLU A 73 -7.79 19.22 -8.40
CA GLU A 73 -6.85 18.34 -9.06
C GLU A 73 -7.04 16.93 -8.59
N PHE A 74 -6.75 15.98 -9.48
CA PHE A 74 -6.78 14.57 -9.10
C PHE A 74 -5.29 14.31 -8.98
N VAL A 75 -4.87 13.76 -7.86
CA VAL A 75 -3.45 13.54 -7.64
C VAL A 75 -3.12 12.13 -7.19
N GLY A 76 -2.10 11.56 -7.82
CA GLY A 76 -1.60 10.24 -7.45
C GLY A 76 -0.18 10.55 -7.01
N GLN A 77 0.14 10.27 -5.75
CA GLN A 77 1.45 10.63 -5.17
C GLN A 77 2.19 9.55 -4.35
N ILE A 78 3.51 9.54 -4.50
CA ILE A 78 4.39 8.67 -3.71
C ILE A 78 5.15 9.64 -2.82
N GLU A 79 4.92 9.53 -1.52
CA GLU A 79 5.54 10.44 -0.57
C GLU A 79 6.51 9.72 0.38
N LEU A 80 7.79 10.08 0.32
CA LEU A 80 8.82 9.49 1.18
C LEU A 80 8.95 10.31 2.45
N PHE A 81 9.01 9.62 3.59
CA PHE A 81 9.10 10.30 4.88
C PHE A 81 10.53 10.56 5.36
N ASN A 82 11.44 10.86 4.44
CA ASN A 82 12.81 11.15 4.84
C ASN A 82 12.98 12.66 5.10
N ASP A 83 14.22 13.11 5.31
CA ASP A 83 14.48 14.53 5.56
C ASP A 83 14.26 15.40 4.34
N LYS A 84 14.40 14.81 3.15
CA LYS A 84 14.21 15.56 1.92
C LYS A 84 12.74 15.60 1.50
N SER A 85 11.89 14.94 2.28
CA SER A 85 10.45 14.89 1.99
C SER A 85 10.24 14.69 0.48
N ASN A 86 10.94 13.68 -0.03
CA ASN A 86 10.88 13.36 -1.44
C ASN A 86 9.46 12.96 -1.84
N THR A 87 8.89 13.71 -2.76
CA THR A 87 7.56 13.43 -3.24
C THR A 87 7.55 13.29 -4.75
N HIS A 88 6.92 12.21 -5.22
CA HIS A 88 6.81 11.92 -6.66
C HIS A 88 5.35 11.83 -7.10
N GLU A 89 4.86 12.86 -7.80
CA GLU A 89 3.50 12.84 -8.29
C GLU A 89 3.51 12.15 -9.65
N PHE A 90 2.94 10.95 -9.70
CA PHE A 90 2.90 10.19 -10.95
C PHE A 90 1.65 10.49 -11.75
N VAL A 91 0.73 11.25 -11.18
CA VAL A 91 -0.49 11.62 -11.86
C VAL A 91 -1.01 12.93 -11.30
N ASN A 92 -1.36 13.85 -12.18
CA ASN A 92 -1.91 15.12 -11.75
C ASN A 92 -2.77 15.69 -12.86
N LEU A 93 -4.08 15.69 -12.62
CA LEU A 93 -5.01 16.22 -13.59
C LEU A 93 -5.60 17.45 -12.92
N VAL A 94 -5.72 18.52 -13.70
CA VAL A 94 -6.24 19.75 -13.18
C VAL A 94 -7.44 20.26 -13.96
N LYS A 95 -8.37 20.87 -13.24
CA LYS A 95 -9.56 21.44 -13.80
C LYS A 95 -9.75 22.78 -13.10
N GLU A 96 -9.62 23.87 -13.85
CA GLU A 96 -9.81 25.19 -13.26
C GLU A 96 -11.31 25.33 -13.00
N LEU A 97 -11.69 25.82 -11.84
CA LEU A 97 -13.10 25.95 -11.49
C LEU A 97 -13.61 27.38 -11.46
N ALA A 98 -12.73 28.32 -11.16
CA ALA A 98 -13.09 29.72 -11.10
C ALA A 98 -11.89 30.62 -11.33
N LEU A 99 -12.11 31.68 -12.09
CA LEU A 99 -11.05 32.64 -12.38
C LEU A 99 -10.89 33.54 -11.15
N PRO A 100 -9.79 34.31 -11.10
CA PRO A 100 -9.57 35.20 -9.96
C PRO A 100 -10.84 36.02 -9.72
N GLY A 101 -11.13 36.33 -8.46
CA GLY A 101 -12.33 37.09 -8.14
C GLY A 101 -12.66 36.97 -6.66
N GLU A 102 -13.94 36.90 -6.33
CA GLU A 102 -14.33 36.76 -4.94
C GLU A 102 -15.60 35.96 -4.79
N LEU A 103 -15.64 35.15 -3.73
CA LEU A 103 -16.81 34.35 -3.43
C LEU A 103 -17.70 35.19 -2.52
N THR A 104 -18.93 35.40 -2.96
CA THR A 104 -19.91 36.20 -2.21
C THR A 104 -21.11 35.37 -1.75
N GLN A 105 -21.32 34.23 -2.41
CA GLN A 105 -22.46 33.37 -2.07
C GLN A 105 -22.13 31.90 -2.30
N SER A 106 -22.78 31.02 -1.55
CA SER A 106 -22.58 29.58 -1.70
C SER A 106 -22.62 29.21 -3.18
N ARG A 107 -21.70 28.36 -3.60
CA ARG A 107 -21.65 27.92 -4.97
C ARG A 107 -21.11 26.49 -5.09
N SER A 108 -21.56 25.77 -6.11
CA SER A 108 -21.09 24.40 -6.33
C SER A 108 -20.54 24.28 -7.75
N TYR A 109 -19.49 23.51 -7.91
CA TYR A 109 -18.90 23.34 -9.24
C TYR A 109 -18.77 21.86 -9.55
N ASP A 110 -19.18 21.49 -10.76
CA ASP A 110 -19.11 20.12 -11.24
C ASP A 110 -17.72 19.87 -11.81
N PHE A 111 -17.28 18.62 -11.74
CA PHE A 111 -15.98 18.28 -12.30
C PHE A 111 -16.04 16.82 -12.73
N GLU A 112 -15.25 16.51 -13.73
CA GLU A 112 -15.19 15.14 -14.19
C GLU A 112 -13.84 14.91 -14.82
N PHE A 113 -13.13 13.92 -14.27
CA PHE A 113 -11.84 13.54 -14.80
C PHE A 113 -12.18 12.20 -15.42
N MET A 114 -12.01 12.10 -16.73
CA MET A 114 -12.35 10.85 -17.41
C MET A 114 -11.23 9.87 -17.69
N GLN A 115 -11.56 8.58 -17.58
CA GLN A 115 -10.60 7.53 -17.85
C GLN A 115 -9.27 7.90 -17.20
N VAL A 116 -9.31 8.06 -15.88
CA VAL A 116 -8.12 8.44 -15.14
C VAL A 116 -7.19 7.25 -14.95
N GLU A 117 -5.93 7.47 -15.30
CA GLU A 117 -4.92 6.44 -15.13
C GLU A 117 -4.50 6.40 -13.67
N LYS A 118 -4.60 5.22 -13.06
CA LYS A 118 -4.24 4.99 -11.66
C LYS A 118 -3.46 3.69 -11.74
N PRO A 119 -2.20 3.77 -12.19
CA PRO A 119 -1.31 2.61 -12.36
C PRO A 119 -0.83 1.86 -11.14
N TYR A 120 -0.86 2.47 -9.97
CA TYR A 120 -0.36 1.82 -8.77
C TYR A 120 -1.38 1.68 -7.65
N GLU A 121 -1.24 0.65 -6.83
CA GLU A 121 -2.15 0.44 -5.72
C GLU A 121 -1.74 1.32 -4.52
N SER A 122 -2.72 1.80 -3.77
CA SER A 122 -2.50 2.66 -2.60
C SER A 122 -1.67 1.93 -1.55
N TYR A 123 -0.84 2.65 -0.82
CA TYR A 123 -0.05 1.99 0.21
C TYR A 123 0.32 2.92 1.34
N ILE A 124 0.20 2.43 2.55
CA ILE A 124 0.59 3.20 3.73
C ILE A 124 1.62 2.39 4.49
N GLY A 125 2.87 2.82 4.43
CA GLY A 125 3.92 2.10 5.11
C GLY A 125 4.59 2.85 6.24
N ALA A 126 5.72 2.32 6.68
CA ALA A 126 6.48 2.92 7.77
C ALA A 126 7.20 4.19 7.35
N ASN A 127 7.87 4.15 6.21
CA ASN A 127 8.63 5.31 5.73
C ASN A 127 8.14 5.83 4.38
N VAL A 128 6.94 5.42 3.98
CA VAL A 128 6.46 5.83 2.68
C VAL A 128 4.96 5.60 2.54
N ARG A 129 4.31 6.45 1.75
CA ARG A 129 2.91 6.25 1.47
C ARG A 129 2.65 6.61 0.02
N LEU A 130 1.83 5.82 -0.66
CA LEU A 130 1.45 6.10 -2.04
C LEU A 130 -0.06 6.33 -1.93
N ARG A 131 -0.50 7.55 -2.25
CA ARG A 131 -1.91 7.88 -2.10
C ARG A 131 -2.49 8.65 -3.26
N TYR A 132 -3.80 8.52 -3.41
CA TYR A 132 -4.52 9.24 -4.45
C TYR A 132 -5.50 10.14 -3.73
N PHE A 133 -5.74 11.32 -4.29
CA PHE A 133 -6.69 12.20 -3.65
C PHE A 133 -7.10 13.33 -4.58
N LEU A 134 -8.24 13.94 -4.26
CA LEU A 134 -8.73 15.09 -4.99
C LEU A 134 -8.30 16.26 -4.12
N LYS A 135 -7.90 17.34 -4.75
CA LYS A 135 -7.47 18.49 -3.99
C LYS A 135 -8.02 19.79 -4.52
N VAL A 136 -8.76 20.49 -3.67
CA VAL A 136 -9.29 21.78 -4.05
C VAL A 136 -8.36 22.84 -3.50
N THR A 137 -7.99 23.80 -4.35
CA THR A 137 -7.12 24.87 -3.94
C THR A 137 -7.76 26.20 -4.28
N ILE A 138 -7.86 27.06 -3.27
CA ILE A 138 -8.37 28.40 -3.49
C ILE A 138 -7.10 29.22 -3.29
N VAL A 139 -6.62 29.82 -4.37
CA VAL A 139 -5.40 30.61 -4.31
C VAL A 139 -5.68 31.97 -3.71
N ARG A 140 -4.83 32.38 -2.76
CA ARG A 140 -5.02 33.67 -2.12
C ARG A 140 -3.67 34.36 -1.91
N ARG A 141 -3.72 35.66 -1.60
CA ARG A 141 -2.52 36.46 -1.39
C ARG A 141 -1.72 35.87 -0.23
N LEU A 142 -2.39 35.54 0.86
CA LEU A 142 -1.71 34.94 1.99
C LEU A 142 -1.80 33.43 1.74
N THR A 143 -1.90 32.62 2.79
CA THR A 143 -1.95 31.17 2.61
C THR A 143 -3.19 30.71 1.84
N ASP A 144 -2.98 29.78 0.89
CA ASP A 144 -4.09 29.26 0.10
C ASP A 144 -5.00 28.40 0.95
N LEU A 145 -6.25 28.26 0.53
CA LEU A 145 -7.17 27.40 1.26
C LEU A 145 -7.14 26.10 0.47
N VAL A 146 -6.94 25.00 1.17
CA VAL A 146 -6.83 23.70 0.52
C VAL A 146 -7.68 22.64 1.19
N LYS A 147 -8.30 21.79 0.38
CA LYS A 147 -9.11 20.70 0.91
C LYS A 147 -8.77 19.46 0.12
N GLU A 148 -8.38 18.41 0.83
CA GLU A 148 -8.08 17.15 0.18
C GLU A 148 -9.19 16.15 0.46
N TYR A 149 -9.38 15.22 -0.46
CA TYR A 149 -10.41 14.20 -0.35
C TYR A 149 -9.69 12.91 -0.81
N ASP A 150 -9.36 12.04 0.14
CA ASP A 150 -8.65 10.80 -0.17
C ASP A 150 -9.47 9.70 -0.83
N LEU A 151 -8.83 8.98 -1.73
CA LEU A 151 -9.44 7.88 -2.44
C LEU A 151 -8.45 6.73 -2.31
N ILE A 152 -8.93 5.51 -2.42
CA ILE A 152 -8.06 4.33 -2.33
C ILE A 152 -8.14 3.61 -3.67
N VAL A 153 -7.02 3.11 -4.16
CA VAL A 153 -7.00 2.39 -5.42
C VAL A 153 -6.43 0.99 -5.22
N HIS A 154 -7.17 -0.02 -5.67
CA HIS A 154 -6.74 -1.42 -5.58
C HIS A 154 -6.32 -1.79 -6.99
N GLN A 155 -5.37 -2.71 -7.12
CA GLN A 155 -4.99 -3.15 -8.45
C GLN A 155 -5.30 -4.64 -8.49
N LEU A 156 -6.13 -5.04 -9.44
CA LEU A 156 -6.53 -6.45 -9.58
C LEU A 156 -5.67 -7.16 -10.60
N ALA A 157 -5.38 -8.43 -10.34
CA ALA A 157 -4.56 -9.23 -11.24
C ALA A 157 -5.01 -10.69 -11.30
N THR A 158 -4.41 -11.42 -12.25
CA THR A 158 -4.67 -12.83 -12.47
C THR A 158 -3.42 -13.49 -13.04
N TYR A 159 -3.04 -14.64 -12.47
CA TYR A 159 -1.86 -15.37 -12.92
C TYR A 159 -2.22 -16.77 -13.40
N PRO A 160 -1.28 -17.46 -14.07
CA PRO A 160 -1.51 -18.81 -14.58
C PRO A 160 -2.05 -19.76 -13.50
N ASP A 161 -1.51 -19.64 -12.29
CA ASP A 161 -1.91 -20.47 -11.16
C ASP A 161 -1.40 -21.90 -11.34
N VAL A 162 -0.31 -22.04 -12.09
CA VAL A 162 0.32 -23.34 -12.35
C VAL A 162 0.71 -24.02 -11.03
N ASN A 163 1.16 -25.27 -11.13
CA ASN A 163 1.55 -26.02 -9.95
C ASN A 163 3.02 -26.45 -9.99
N ASN A 164 3.91 -25.52 -10.33
CA ASN A 164 5.33 -25.81 -10.40
C ASN A 164 6.03 -25.49 -9.08
N SER A 165 6.25 -26.52 -8.26
CA SER A 165 6.88 -26.38 -6.97
C SER A 165 8.17 -25.55 -7.00
N ILE A 166 8.64 -25.18 -5.81
CA ILE A 166 9.83 -24.38 -5.66
C ILE A 166 10.66 -24.97 -4.53
N LYS A 167 11.98 -24.88 -4.64
CA LYS A 167 12.84 -25.44 -3.60
C LYS A 167 13.78 -24.42 -2.98
N MET A 168 13.94 -24.55 -1.68
CA MET A 168 14.80 -23.69 -0.86
C MET A 168 15.64 -24.61 0.00
N GLU A 169 16.95 -24.35 0.09
CA GLU A 169 17.84 -25.18 0.87
C GLU A 169 18.57 -24.42 1.97
N VAL A 170 18.67 -25.06 3.13
CA VAL A 170 19.30 -24.46 4.29
C VAL A 170 20.32 -25.37 4.94
N GLY A 171 21.30 -24.76 5.60
CA GLY A 171 22.30 -25.54 6.29
C GLY A 171 23.75 -25.25 5.93
N ILE A 172 24.64 -26.01 6.58
CA ILE A 172 26.08 -25.92 6.38
C ILE A 172 26.50 -27.31 5.94
N GLU A 173 27.27 -27.38 4.86
CA GLU A 173 27.73 -28.68 4.32
C GLU A 173 28.39 -29.58 5.36
N ASP A 174 27.97 -30.86 5.34
CA ASP A 174 28.48 -31.89 6.24
C ASP A 174 28.06 -31.66 7.70
N CAF A 175 27.10 -30.77 7.89
CA CAF A 175 26.62 -30.47 9.23
CB CAF A 175 27.06 -29.07 9.65
C CAF A 175 25.09 -30.57 9.28
O CAF A 175 24.54 -31.42 9.98
SG CAF A 175 27.94 -29.03 11.22
AS CAF A 175 28.96 -27.71 12.72
CE1 CAF A 175 30.78 -27.19 12.05
CE2 CAF A 175 29.16 -28.68 14.44
O1 CAF A 175 28.10 -26.39 12.95
N LEU A 176 24.43 -29.70 8.54
CA LEU A 176 22.98 -29.68 8.47
C LEU A 176 22.53 -29.31 7.07
N HIS A 177 21.67 -30.14 6.48
CA HIS A 177 21.17 -29.87 5.15
C HIS A 177 19.66 -30.12 5.13
N ILE A 178 18.90 -29.06 4.92
CA ILE A 178 17.44 -29.14 4.88
C ILE A 178 16.90 -28.62 3.56
N GLU A 179 15.80 -29.21 3.12
CA GLU A 179 15.16 -28.82 1.88
C GLU A 179 13.69 -28.51 2.14
N PHE A 180 13.21 -27.41 1.58
CA PHE A 180 11.83 -27.00 1.74
C PHE A 180 11.23 -26.80 0.35
N GLU A 181 10.22 -27.60 0.04
CA GLU A 181 9.57 -27.50 -1.28
C GLU A 181 8.13 -27.06 -1.12
N TYR A 182 7.80 -25.90 -1.71
CA TYR A 182 6.46 -25.36 -1.66
C TYR A 182 5.86 -25.29 -3.07
N ASN A 183 4.53 -25.26 -3.13
CA ASN A 183 3.79 -25.29 -4.38
C ASN A 183 3.82 -24.13 -5.37
N LYS A 184 3.97 -22.90 -4.88
CA LYS A 184 3.97 -21.76 -5.80
C LYS A 184 5.05 -20.70 -5.57
N SER A 185 5.16 -19.82 -6.55
CA SER A 185 6.11 -18.72 -6.52
C SER A 185 5.28 -17.49 -6.21
N LYS A 186 3.99 -17.60 -6.49
CA LYS A 186 3.06 -16.49 -6.28
C LYS A 186 1.79 -16.97 -5.59
N TYR A 187 1.25 -16.12 -4.74
CA TYR A 187 0.04 -16.42 -3.99
C TYR A 187 -0.81 -15.16 -3.89
N HIS A 188 -2.13 -15.32 -3.82
CA HIS A 188 -3.01 -14.16 -3.68
C HIS A 188 -3.23 -13.95 -2.19
N LEU A 189 -3.74 -12.79 -1.82
CA LEU A 189 -3.95 -12.41 -0.42
C LEU A 189 -4.66 -13.41 0.50
N LYS A 190 -5.45 -14.31 -0.06
CA LYS A 190 -6.18 -15.28 0.75
C LYS A 190 -5.71 -16.72 0.48
N ASP A 191 -4.73 -16.86 -0.41
CA ASP A 191 -4.18 -18.15 -0.77
C ASP A 191 -3.60 -18.90 0.44
N VAL A 192 -3.06 -20.08 0.19
CA VAL A 192 -2.44 -20.90 1.23
C VAL A 192 -1.12 -21.47 0.70
N ILE A 193 -0.08 -21.44 1.53
CA ILE A 193 1.24 -21.94 1.13
C ILE A 193 1.37 -23.39 1.57
N VAL A 194 1.60 -24.28 0.61
CA VAL A 194 1.72 -25.69 0.89
C VAL A 194 3.06 -26.28 0.47
N GLY A 195 3.72 -26.96 1.41
CA GLY A 195 5.00 -27.57 1.11
C GLY A 195 5.43 -28.50 2.23
N LYS A 196 6.68 -28.98 2.15
CA LYS A 196 7.21 -29.89 3.16
C LYS A 196 8.70 -29.72 3.36
N ILE A 197 9.14 -29.88 4.60
CA ILE A 197 10.55 -29.75 4.96
C ILE A 197 11.24 -31.11 5.07
N TYR A 198 12.02 -31.46 4.05
CA TYR A 198 12.76 -32.73 4.04
C TYR A 198 14.13 -32.57 4.67
N PHE A 199 14.50 -33.52 5.52
CA PHE A 199 15.82 -33.48 6.16
C PHE A 199 16.78 -34.39 5.38
N LEU A 200 17.88 -33.81 4.92
CA LEU A 200 18.86 -34.56 4.13
C LEU A 200 20.15 -34.91 4.86
N LEU A 201 20.32 -34.34 6.04
CA LEU A 201 21.51 -34.59 6.86
C LEU A 201 21.39 -33.79 8.14
N VAL A 202 21.49 -34.46 9.27
CA VAL A 202 21.39 -33.78 10.55
C VAL A 202 22.49 -34.25 11.49
N ARG A 203 23.66 -33.65 11.34
CA ARG A 203 24.80 -33.99 12.18
C ARG A 203 24.74 -33.24 13.51
N ILE A 204 23.75 -32.36 13.63
CA ILE A 204 23.62 -31.59 14.86
C ILE A 204 22.21 -31.73 15.44
N LYS A 205 22.00 -31.16 16.62
CA LYS A 205 20.71 -31.24 17.29
C LYS A 205 19.80 -30.04 16.99
N ILE A 206 18.75 -30.29 16.22
CA ILE A 206 17.78 -29.26 15.86
C ILE A 206 16.97 -28.83 17.09
N GLN A 207 17.38 -27.73 17.70
CA GLN A 207 16.71 -27.22 18.89
C GLN A 207 15.35 -26.59 18.58
N HIS A 208 15.35 -25.55 17.76
CA HIS A 208 14.12 -24.85 17.39
C HIS A 208 14.19 -24.28 15.98
N MET A 209 13.23 -24.64 15.15
CA MET A 209 13.19 -24.14 13.78
C MET A 209 11.80 -23.61 13.45
N GLU A 210 11.72 -22.73 12.44
CA GLU A 210 10.44 -22.17 12.03
C GLU A 210 10.48 -21.52 10.66
N LEU A 211 9.31 -21.43 10.03
CA LEU A 211 9.16 -20.79 8.74
C LEU A 211 8.60 -19.40 8.99
N GLN A 212 9.21 -18.40 8.35
CA GLN A 212 8.76 -17.03 8.53
C GLN A 212 8.29 -16.39 7.22
N LEU A 213 7.29 -15.52 7.33
CA LEU A 213 6.77 -14.79 6.20
C LEU A 213 7.25 -13.40 6.58
N ILE A 214 8.17 -12.88 5.79
CA ILE A 214 8.77 -11.58 6.06
C ILE A 214 8.36 -10.52 5.04
N LYS A 215 8.15 -9.30 5.54
CA LYS A 215 7.80 -8.16 4.68
C LYS A 215 8.94 -7.14 4.68
N LYS A 216 9.37 -6.71 3.50
CA LYS A 216 10.43 -5.71 3.38
C LYS A 216 9.91 -4.54 2.57
N GLU A 217 9.97 -3.36 3.16
CA GLU A 217 9.53 -2.15 2.49
C GLU A 217 10.80 -1.34 2.25
N ILE A 218 11.16 -1.20 0.97
CA ILE A 218 12.36 -0.46 0.59
C ILE A 218 12.03 0.91 0.03
N THR A 219 12.67 1.93 0.57
CA THR A 219 12.46 3.30 0.11
C THR A 219 13.80 3.98 -0.18
N GLY A 220 13.73 5.16 -0.78
CA GLY A 220 14.93 5.89 -1.13
C GLY A 220 15.78 5.12 -2.10
N ILE A 221 16.94 5.68 -2.43
CA ILE A 221 17.87 5.03 -3.35
C ILE A 221 19.28 5.56 -3.11
N GLY A 222 20.27 4.75 -3.46
CA GLY A 222 21.65 5.15 -3.25
C GLY A 222 21.92 5.19 -1.75
N PRO A 223 22.89 5.99 -1.29
CA PRO A 223 23.21 6.09 0.13
C PRO A 223 22.01 6.48 0.98
N SER A 224 20.87 6.68 0.31
CA SER A 224 19.64 7.07 0.99
C SER A 224 18.63 5.93 1.12
N THR A 225 19.01 4.75 0.62
CA THR A 225 18.15 3.56 0.66
C THR A 225 17.80 3.08 2.08
N THR A 226 16.53 3.21 2.44
CA THR A 226 16.04 2.78 3.76
C THR A 226 15.28 1.46 3.61
N THR A 227 15.31 0.62 4.64
CA THR A 227 14.61 -0.67 4.57
C THR A 227 13.96 -1.01 5.91
N GLU A 228 12.67 -1.34 5.84
CA GLU A 228 11.88 -1.71 7.00
C GLU A 228 11.59 -3.19 6.84
N THR A 229 11.88 -3.97 7.86
CA THR A 229 11.62 -5.39 7.78
C THR A 229 10.67 -5.75 8.92
N GLU A 230 9.63 -6.49 8.59
CA GLU A 230 8.64 -6.90 9.57
C GLU A 230 8.28 -8.37 9.35
N THR A 231 8.05 -9.08 10.45
CA THR A 231 7.68 -10.49 10.36
C THR A 231 6.17 -10.57 10.39
N ILE A 232 5.58 -11.03 9.29
CA ILE A 232 4.13 -11.14 9.21
C ILE A 232 3.60 -12.42 9.86
N ALA A 233 4.36 -13.51 9.75
CA ALA A 233 3.94 -14.78 10.32
C ALA A 233 5.10 -15.72 10.63
N LYS A 234 4.95 -16.46 11.73
CA LYS A 234 5.93 -17.44 12.16
C LYS A 234 5.21 -18.77 12.18
N TYR A 235 5.81 -19.78 11.57
CA TYR A 235 5.22 -21.11 11.51
C TYR A 235 6.19 -22.08 12.17
N GLU A 236 6.15 -22.16 13.50
CA GLU A 236 7.03 -23.04 14.25
C GLU A 236 6.99 -24.50 13.82
N ILE A 237 8.10 -25.19 14.06
CA ILE A 237 8.25 -26.61 13.72
C ILE A 237 9.34 -27.18 14.64
N MET A 238 9.72 -26.38 15.63
CA MET A 238 10.76 -26.72 16.60
C MET A 238 10.95 -28.21 16.90
N ASP A 239 10.41 -28.66 18.04
CA ASP A 239 10.51 -30.06 18.46
C ASP A 239 11.96 -30.52 18.60
N GLY A 240 12.28 -31.68 18.04
CA GLY A 240 13.62 -32.21 18.12
C GLY A 240 14.17 -32.60 16.76
N SER A 247 10.44 -34.18 6.19
CA SER A 247 9.26 -35.02 6.10
C SER A 247 8.07 -34.43 6.85
N ILE A 248 8.18 -33.14 7.20
CA ILE A 248 7.10 -32.45 7.92
C ILE A 248 6.31 -31.55 6.97
N PRO A 249 5.04 -31.90 6.70
CA PRO A 249 4.19 -31.10 5.81
C PRO A 249 4.03 -29.68 6.34
N ILE A 250 3.65 -28.76 5.45
CA ILE A 250 3.46 -27.38 5.84
C ILE A 250 2.31 -26.72 5.09
N ARG A 251 1.45 -26.05 5.85
CA ARG A 251 0.31 -25.33 5.28
C ARG A 251 0.15 -24.02 6.03
N LEU A 252 0.33 -22.91 5.32
CA LEU A 252 0.20 -21.59 5.93
C LEU A 252 -0.88 -20.81 5.22
N PHE A 253 -1.84 -20.31 5.99
CA PHE A 253 -2.95 -19.56 5.43
C PHE A 253 -2.70 -18.06 5.52
N LEU A 254 -2.65 -17.40 4.36
CA LEU A 254 -2.41 -15.96 4.27
C LEU A 254 -3.60 -15.14 4.74
N ALA A 255 -4.80 -15.63 4.44
CA ALA A 255 -6.03 -14.97 4.81
C ALA A 255 -5.99 -14.43 6.23
N GLY A 256 -5.35 -15.20 7.12
CA GLY A 256 -5.28 -14.80 8.51
C GLY A 256 -4.39 -13.62 8.83
N TYR A 257 -3.65 -13.12 7.85
CA TYR A 257 -2.76 -11.99 8.11
C TYR A 257 -3.09 -10.75 7.34
N ASP A 258 -3.96 -10.88 6.34
CA ASP A 258 -4.36 -9.73 5.54
C ASP A 258 -3.14 -8.95 5.07
N PRO A 259 -2.25 -9.58 4.30
CA PRO A 259 -1.04 -8.89 3.81
C PRO A 259 -1.45 -7.91 2.73
N THR A 260 -0.49 -7.16 2.20
CA THR A 260 -0.76 -6.22 1.12
C THR A 260 -0.06 -6.84 -0.06
N PRO A 261 -0.42 -6.45 -1.29
CA PRO A 261 0.25 -7.05 -2.45
C PRO A 261 1.70 -6.63 -2.59
N THR A 262 2.44 -7.42 -3.36
CA THR A 262 3.83 -7.14 -3.63
C THR A 262 3.79 -5.92 -4.52
N MET A 263 4.67 -4.96 -4.29
CA MET A 263 4.72 -3.78 -5.12
C MET A 263 6.15 -3.64 -5.54
N ARG A 264 6.44 -3.90 -6.81
CA ARG A 264 7.82 -3.85 -7.29
C ARG A 264 8.16 -2.82 -8.34
N ASP A 265 7.54 -2.96 -9.50
CA ASP A 265 7.79 -2.05 -10.62
C ASP A 265 7.03 -0.73 -10.45
N VAL A 266 7.02 -0.22 -9.22
CA VAL A 266 6.33 1.03 -8.93
C VAL A 266 7.22 2.24 -9.15
N ASN A 267 8.36 2.27 -8.47
CA ASN A 267 9.24 3.41 -8.61
C ASN A 267 10.64 3.05 -8.14
N LYS A 268 11.64 3.69 -8.73
CA LYS A 268 13.02 3.44 -8.36
C LYS A 268 13.21 3.73 -6.87
N LYS A 269 12.35 4.56 -6.30
CA LYS A 269 12.48 4.88 -4.90
C LYS A 269 11.48 4.21 -3.95
N PHE A 270 10.88 3.09 -4.34
CA PHE A 270 9.95 2.39 -3.47
C PHE A 270 9.48 1.00 -3.88
N SER A 271 9.63 0.03 -2.98
CA SER A 271 9.18 -1.34 -3.24
C SER A 271 8.75 -2.07 -1.97
N VAL A 272 7.82 -2.99 -2.13
CA VAL A 272 7.34 -3.81 -1.03
C VAL A 272 7.40 -5.24 -1.52
N ARG A 273 8.19 -6.06 -0.84
CA ARG A 273 8.35 -7.46 -1.22
C ARG A 273 8.23 -8.38 -0.01
N TYR A 274 7.80 -9.61 -0.28
CA TYR A 274 7.62 -10.63 0.76
C TYR A 274 8.61 -11.77 0.55
N PHE A 275 9.02 -12.38 1.65
CA PHE A 275 10.00 -13.46 1.57
C PHE A 275 9.68 -14.58 2.55
N LEU A 276 9.98 -15.81 2.14
CA LEU A 276 9.80 -16.96 3.02
C LEU A 276 11.18 -17.16 3.65
N ASN A 277 11.24 -17.23 4.97
CA ASN A 277 12.50 -17.35 5.68
C ASN A 277 12.55 -18.59 6.59
N LEU A 278 13.43 -19.54 6.29
CA LEU A 278 13.58 -20.77 7.09
C LEU A 278 14.69 -20.56 8.11
N VAL A 279 14.34 -20.62 9.39
CA VAL A 279 15.32 -20.41 10.46
C VAL A 279 15.48 -21.65 11.32
N LEU A 280 16.71 -22.13 11.45
CA LEU A 280 17.01 -23.32 12.23
C LEU A 280 18.08 -23.02 13.27
N VAL A 281 17.79 -23.37 14.53
CA VAL A 281 18.73 -23.15 15.62
C VAL A 281 18.99 -24.47 16.34
N ASP A 282 20.24 -24.67 16.79
CA ASP A 282 20.60 -25.89 17.49
C ASP A 282 20.89 -25.65 18.97
N GLU A 283 21.06 -26.73 19.74
CA GLU A 283 21.36 -26.64 21.17
C GLU A 283 22.57 -25.76 21.44
N GLU A 284 23.47 -25.67 20.47
CA GLU A 284 24.66 -24.85 20.61
C GLU A 284 24.34 -23.39 20.31
N ASP A 285 23.07 -23.14 19.99
CA ASP A 285 22.55 -21.80 19.71
C ASP A 285 22.95 -21.22 18.36
N ARG A 286 23.46 -22.06 17.46
CA ARG A 286 23.86 -21.60 16.15
C ARG A 286 22.63 -21.47 15.24
N ARG A 287 22.63 -20.45 14.40
CA ARG A 287 21.50 -20.15 13.52
C ARG A 287 21.77 -20.41 12.03
N TYR A 288 20.88 -21.18 11.41
CA TYR A 288 20.97 -21.53 9.99
C TYR A 288 19.72 -20.98 9.32
N PHE A 289 19.90 -20.10 8.34
CA PHE A 289 18.76 -19.47 7.69
C PHE A 289 18.89 -19.38 6.18
N LYS A 290 17.76 -19.19 5.51
CA LYS A 290 17.73 -19.03 4.07
C LYS A 290 16.47 -18.23 3.72
N GLN A 291 16.59 -17.33 2.76
CA GLN A 291 15.48 -16.48 2.40
C GLN A 291 15.17 -16.50 0.91
N GLN A 292 13.89 -16.61 0.56
CA GLN A 292 13.47 -16.60 -0.83
C GLN A 292 12.23 -15.75 -0.96
N GLU A 293 12.20 -14.94 -2.01
CA GLU A 293 11.05 -14.08 -2.25
C GLU A 293 9.90 -14.82 -2.90
N ILE A 294 8.69 -14.43 -2.53
CA ILE A 294 7.48 -14.96 -3.13
C ILE A 294 6.66 -13.72 -3.44
N ILE A 295 5.83 -13.79 -4.47
CA ILE A 295 5.02 -12.66 -4.88
C ILE A 295 3.56 -12.80 -4.46
N LEU A 296 3.08 -11.81 -3.71
CA LEU A 296 1.69 -11.80 -3.28
C LEU A 296 0.93 -10.85 -4.20
N TRP A 297 -0.28 -11.24 -4.59
CA TRP A 297 -1.09 -10.42 -5.48
C TRP A 297 -2.56 -10.45 -5.08
N ARG A 298 -3.31 -9.48 -5.60
CA ARG A 298 -4.74 -9.32 -5.31
C ARG A 298 -5.62 -9.90 -6.44
N LYS A 299 -6.47 -10.86 -6.08
CA LYS A 299 -7.34 -11.50 -7.07
C LYS A 299 -8.70 -10.84 -7.21
N ALA A 300 -9.14 -10.66 -8.45
CA ALA A 300 -10.43 -10.04 -8.74
C ALA A 300 -11.54 -10.89 -8.11
N PRO A 301 -12.67 -10.27 -7.72
CA PRO A 301 -13.78 -11.01 -7.11
C PRO A 301 -14.33 -12.12 -8.00
C1 GOL B . -14.36 11.37 2.59
O1 GOL B . -13.70 12.56 3.03
C2 GOL B . -13.50 10.62 1.57
O2 GOL B . -12.25 10.24 2.18
C3 GOL B . -14.22 9.35 1.12
O3 GOL B . -13.42 8.64 0.19
#